data_5LW3
#
_entry.id   5LW3
#
_cell.length_a   100.884
_cell.length_b   63.672
_cell.length_c   73.075
_cell.angle_alpha   90.00
_cell.angle_beta   97.16
_cell.angle_gamma   90.00
#
_symmetry.space_group_name_H-M   'C 1 2 1'
#
loop_
_entity.id
_entity.type
_entity.pdbx_description
1 polymer 'Poly(beta-D-mannuronate) C5 epimerase 6'
2 non-polymer 'CHLORIDE ION'
3 non-polymer 2-[3-(2-HYDROXY-1,1-DIHYDROXYMETHYL-ETHYLAMINO)-PROPYLAMINO]-2-HYDROXYMETHYL-PROPANE-1,3-DIOL
4 non-polymer 'CALCIUM ION'
5 water water
#
_entity_poly.entity_id   1
_entity_poly.type   'polypeptide(L)'
_entity_poly.pdbx_seq_one_letter_code
;MDYNVKDFGALGDGVSDDRVAIQAAIDAAHAAGGGTVYLPPGEYRVSAAGEPSDGCLTLRDNVYLAGAGMGQTVIKLVDG
SAQKITGIVRSPFGEETSNFGMRDLTLDGNRANTVDKVDGWFNGYAPGQPGADRNVTIERVEVREMSGYGFDPHEQTINL
VLRDSVAHHNGLDGFVADYQIGGTFENNVAYANDRHGFNIVTSTNDFVMRNNVAYGNGGNGLVVQRGSENLAHPENILID
GGSYYDNGLEGVLVKMSNNVTVQNADIHGNGSSGVRVYGAQGVQILGNQIHDNAKTAVAPEVLLQSYDDTLGVSGNYYTT
LNTRVEGNTITGSANSTYGVQERNDGTDFSSLVGNTINGVQEAAHLYGPNSTVSGTVSAPPQGTDLE
;
_entity_poly.pdbx_strand_id   A
#
loop_
_chem_comp.id
_chem_comp.type
_chem_comp.name
_chem_comp.formula
B3P non-polymer 2-[3-(2-HYDROXY-1,1-DIHYDROXYMETHYL-ETHYLAMINO)-PROPYLAMINO]-2-HYDROXYMETHYL-PROPANE-1,3-DIOL 'C11 H26 N2 O6'
CA non-polymer 'CALCIUM ION' 'Ca 2'
CL non-polymer 'CHLORIDE ION' 'Cl -1'
#
# COMPACT_ATOMS: atom_id res chain seq x y z
N ASP A 2 -20.65 3.85 -24.76
CA ASP A 2 -19.98 5.11 -24.46
C ASP A 2 -20.98 6.17 -23.97
N TYR A 3 -20.70 6.81 -22.84
CA TYR A 3 -21.54 7.81 -22.21
C TYR A 3 -20.63 8.98 -21.96
N ASN A 4 -21.17 10.19 -22.06
CA ASN A 4 -20.38 11.40 -21.84
C ASN A 4 -21.09 12.22 -20.77
N VAL A 5 -20.42 12.57 -19.70
CA VAL A 5 -21.12 13.28 -18.60
C VAL A 5 -21.71 14.64 -19.06
N LYS A 6 -21.22 15.23 -20.15
CA LYS A 6 -21.82 16.50 -20.63
C LYS A 6 -23.27 16.27 -20.95
N ASP A 7 -23.61 15.07 -21.46
CA ASP A 7 -24.98 14.78 -21.87
C ASP A 7 -25.93 14.62 -20.71
N PHE A 8 -25.36 14.66 -19.50
CA PHE A 8 -26.13 14.53 -18.29
C PHE A 8 -26.06 15.80 -17.46
N GLY A 9 -25.50 16.88 -18.01
CA GLY A 9 -25.51 18.18 -17.35
C GLY A 9 -24.28 18.49 -16.54
N ALA A 10 -23.18 17.76 -16.69
CA ALA A 10 -21.94 18.07 -15.92
C ALA A 10 -21.26 19.31 -16.55
N LEU A 11 -20.97 20.31 -15.74
CA LEU A 11 -20.38 21.54 -16.24
C LEU A 11 -18.88 21.55 -16.30
N GLY A 12 -18.20 20.83 -15.41
CA GLY A 12 -16.73 20.81 -15.46
C GLY A 12 -16.09 22.19 -15.37
N ASP A 13 -16.58 23.05 -14.51
CA ASP A 13 -16.19 24.46 -14.53
C ASP A 13 -15.47 24.87 -13.25
N GLY A 14 -15.11 23.89 -12.42
CA GLY A 14 -14.32 24.22 -11.22
C GLY A 14 -15.13 24.78 -10.05
N VAL A 15 -16.45 24.88 -10.21
N VAL A 15 -16.43 24.96 -10.24
CA VAL A 15 -17.29 25.64 -9.28
CA VAL A 15 -17.25 25.51 -9.15
C VAL A 15 -18.66 24.99 -9.02
C VAL A 15 -18.56 24.76 -8.97
N SER A 16 -19.29 24.50 -10.07
CA SER A 16 -20.58 23.85 -9.94
C SER A 16 -20.45 22.44 -9.39
N ASP A 17 -21.43 22.00 -8.60
CA ASP A 17 -21.42 20.64 -8.10
C ASP A 17 -21.96 19.70 -9.16
N ASP A 18 -21.10 18.87 -9.72
CA ASP A 18 -21.45 17.96 -10.79
C ASP A 18 -21.79 16.54 -10.30
N ARG A 19 -21.93 16.33 -8.97
CA ARG A 19 -22.20 14.98 -8.47
C ARG A 19 -23.44 14.33 -9.10
N VAL A 20 -24.56 15.04 -9.12
CA VAL A 20 -25.79 14.43 -9.57
C VAL A 20 -25.68 14.08 -11.06
N ALA A 21 -25.09 14.96 -11.87
CA ALA A 21 -24.91 14.70 -13.32
C ALA A 21 -24.03 13.47 -13.55
N ILE A 22 -22.88 13.42 -12.87
CA ILE A 22 -21.99 12.28 -13.12
C ILE A 22 -22.63 10.98 -12.65
N GLN A 23 -23.32 11.02 -11.49
CA GLN A 23 -23.97 9.82 -10.99
C GLN A 23 -25.06 9.39 -12.00
N ALA A 24 -25.76 10.35 -12.63
CA ALA A 24 -26.78 9.98 -13.60
C ALA A 24 -26.14 9.27 -14.82
N ALA A 25 -24.96 9.72 -15.25
CA ALA A 25 -24.29 9.03 -16.37
C ALA A 25 -23.90 7.61 -15.99
N ILE A 26 -23.28 7.45 -14.81
CA ILE A 26 -22.99 6.09 -14.26
C ILE A 26 -24.23 5.21 -14.21
N ASP A 27 -25.34 5.75 -13.72
CA ASP A 27 -26.55 4.92 -13.57
C ASP A 27 -27.11 4.54 -14.92
N ALA A 28 -27.02 5.44 -15.91
CA ALA A 28 -27.53 5.13 -17.26
C ALA A 28 -26.67 4.02 -17.88
N ALA A 29 -25.35 4.12 -17.73
CA ALA A 29 -24.47 3.08 -18.26
C ALA A 29 -24.76 1.74 -17.61
N HIS A 30 -24.95 1.74 -16.30
CA HIS A 30 -25.28 0.53 -15.56
C HIS A 30 -26.60 -0.08 -16.03
N ALA A 31 -27.64 0.75 -16.18
CA ALA A 31 -28.97 0.25 -16.57
C ALA A 31 -28.93 -0.39 -17.95
N ALA A 32 -28.02 0.05 -18.80
CA ALA A 32 -27.87 -0.47 -20.15
C ALA A 32 -27.00 -1.72 -20.24
N GLY A 33 -26.46 -2.18 -19.11
CA GLY A 33 -25.64 -3.38 -19.14
C GLY A 33 -24.16 -3.09 -19.10
N GLY A 34 -23.79 -1.82 -19.00
CA GLY A 34 -22.39 -1.47 -18.81
C GLY A 34 -21.93 -0.47 -19.85
N GLY A 35 -20.83 0.21 -19.57
CA GLY A 35 -20.21 1.13 -20.51
C GLY A 35 -19.14 1.97 -19.85
N THR A 36 -18.53 2.83 -20.63
CA THR A 36 -17.53 3.76 -20.16
C THR A 36 -18.15 5.13 -20.09
N VAL A 37 -18.04 5.77 -18.94
CA VAL A 37 -18.50 7.13 -18.70
C VAL A 37 -17.28 8.04 -18.86
N TYR A 38 -17.34 8.89 -19.89
CA TYR A 38 -16.24 9.76 -20.22
C TYR A 38 -16.41 11.16 -19.65
N LEU A 39 -15.36 11.70 -19.06
CA LEU A 39 -15.28 13.10 -18.61
C LEU A 39 -14.23 13.84 -19.42
N PRO A 40 -14.67 14.78 -20.29
CA PRO A 40 -13.68 15.54 -21.05
C PRO A 40 -12.86 16.44 -20.12
N PRO A 41 -11.80 17.04 -20.65
CA PRO A 41 -10.97 17.88 -19.79
C PRO A 41 -11.77 18.91 -18.98
N GLY A 42 -11.38 19.10 -17.74
CA GLY A 42 -12.07 20.02 -16.84
C GLY A 42 -11.87 19.62 -15.39
N GLU A 43 -12.18 20.54 -14.49
CA GLU A 43 -12.29 20.27 -13.05
C GLU A 43 -13.73 20.15 -12.72
N TYR A 44 -14.13 18.99 -12.22
CA TYR A 44 -15.51 18.65 -11.89
C TYR A 44 -15.61 18.65 -10.39
N ARG A 45 -16.29 19.62 -9.80
CA ARG A 45 -16.49 19.62 -8.34
C ARG A 45 -17.59 18.64 -7.95
N VAL A 46 -17.42 17.99 -6.80
CA VAL A 46 -18.45 17.09 -6.25
C VAL A 46 -18.57 17.29 -4.76
N SER A 47 -19.79 17.16 -4.26
CA SER A 47 -20.07 17.12 -2.81
C SER A 47 -20.32 15.70 -2.36
N ALA A 48 -20.30 15.51 -1.04
CA ALA A 48 -20.72 14.23 -0.46
C ALA A 48 -22.14 13.84 -0.89
N ALA A 49 -22.34 12.56 -1.19
CA ALA A 49 -23.62 12.05 -1.63
C ALA A 49 -24.60 11.82 -0.49
N GLY A 50 -24.12 11.61 0.73
CA GLY A 50 -25.06 11.27 1.80
C GLY A 50 -24.30 10.93 3.08
N GLU A 51 -24.45 9.69 3.55
CA GLU A 51 -23.68 9.19 4.68
C GLU A 51 -22.25 8.86 4.25
N PRO A 52 -21.32 8.67 5.19
CA PRO A 52 -19.94 8.41 4.73
C PRO A 52 -19.80 7.27 3.72
N SER A 53 -20.55 6.20 3.90
N SER A 53 -20.53 6.18 3.89
CA SER A 53 -20.45 5.04 3.00
CA SER A 53 -20.36 5.07 2.96
C SER A 53 -21.05 5.33 1.62
C SER A 53 -21.08 5.30 1.64
N ASP A 54 -21.71 6.48 1.44
CA ASP A 54 -22.22 6.83 0.13
C ASP A 54 -21.16 7.53 -0.71
N GLY A 55 -20.03 7.93 -0.12
CA GLY A 55 -18.95 8.52 -0.90
C GLY A 55 -19.40 9.80 -1.60
N CYS A 56 -18.80 10.10 -2.74
CA CYS A 56 -19.34 11.13 -3.64
C CYS A 56 -20.03 10.54 -4.87
N LEU A 57 -19.36 9.60 -5.51
CA LEU A 57 -19.83 8.91 -6.72
C LEU A 57 -19.75 7.42 -6.51
N THR A 58 -20.81 6.70 -6.88
CA THR A 58 -20.87 5.24 -6.73
C THR A 58 -20.84 4.57 -8.11
N LEU A 59 -19.75 3.88 -8.42
CA LEU A 59 -19.71 3.01 -9.58
C LEU A 59 -20.55 1.80 -9.41
N ARG A 60 -20.93 1.14 -10.49
CA ARG A 60 -21.78 -0.03 -10.47
C ARG A 60 -21.24 -1.08 -11.45
N ASP A 61 -21.83 -2.27 -11.41
CA ASP A 61 -21.34 -3.37 -12.26
C ASP A 61 -21.17 -2.94 -13.70
N ASN A 62 -20.03 -3.28 -14.31
CA ASN A 62 -19.76 -3.08 -15.74
C ASN A 62 -19.55 -1.62 -16.13
N VAL A 63 -19.40 -0.71 -15.17
CA VAL A 63 -19.22 0.73 -15.49
C VAL A 63 -17.80 1.17 -15.16
N TYR A 64 -17.18 1.85 -16.12
CA TYR A 64 -15.81 2.37 -16.01
C TYR A 64 -15.83 3.87 -16.19
N LEU A 65 -15.12 4.62 -15.35
CA LEU A 65 -14.89 6.05 -15.59
C LEU A 65 -13.65 6.22 -16.42
N ALA A 66 -13.65 7.18 -17.34
CA ALA A 66 -12.45 7.52 -18.09
C ALA A 66 -12.36 9.01 -18.23
N GLY A 67 -11.22 9.61 -17.89
CA GLY A 67 -11.01 11.00 -18.24
C GLY A 67 -10.09 11.16 -19.44
N ALA A 68 -9.64 12.41 -19.61
CA ALA A 68 -8.78 12.80 -20.72
C ALA A 68 -7.31 12.72 -20.34
N GLY A 69 -7.02 12.24 -19.14
CA GLY A 69 -5.64 12.11 -18.68
C GLY A 69 -5.49 12.66 -17.26
N MET A 70 -4.57 12.07 -16.50
CA MET A 70 -4.21 12.65 -15.19
C MET A 70 -3.90 14.13 -15.39
N GLY A 71 -4.43 14.97 -14.51
CA GLY A 71 -4.21 16.40 -14.58
C GLY A 71 -5.10 17.10 -15.59
N GLN A 72 -5.68 16.40 -16.56
CA GLN A 72 -6.60 17.01 -17.51
C GLN A 72 -8.03 16.93 -17.07
N THR A 73 -8.42 15.76 -16.61
CA THR A 73 -9.73 15.58 -15.98
C THR A 73 -9.50 15.44 -14.49
N VAL A 74 -10.03 16.34 -13.69
CA VAL A 74 -9.89 16.33 -12.23
C VAL A 74 -11.25 16.31 -11.59
N ILE A 75 -11.50 15.37 -10.67
CA ILE A 75 -12.72 15.33 -9.87
C ILE A 75 -12.30 15.79 -8.49
N LYS A 76 -12.85 16.91 -7.99
CA LYS A 76 -12.35 17.59 -6.81
C LYS A 76 -13.44 17.87 -5.81
N LEU A 77 -13.23 17.56 -4.54
CA LEU A 77 -14.21 17.81 -3.49
C LEU A 77 -14.48 19.34 -3.37
N VAL A 78 -15.75 19.69 -3.16
CA VAL A 78 -16.12 21.11 -2.97
C VAL A 78 -15.41 21.76 -1.77
N ASP A 79 -15.04 23.01 -1.95
CA ASP A 79 -14.58 23.82 -0.83
C ASP A 79 -15.62 23.80 0.29
N GLY A 80 -15.17 23.71 1.52
CA GLY A 80 -16.08 23.81 2.67
C GLY A 80 -16.73 22.51 3.07
N SER A 81 -16.49 21.42 2.34
CA SER A 81 -16.98 20.13 2.78
C SER A 81 -16.54 19.85 4.20
N ALA A 82 -17.44 19.29 5.01
CA ALA A 82 -17.17 19.08 6.44
C ALA A 82 -17.84 17.81 6.94
N GLN A 83 -17.57 16.70 6.26
CA GLN A 83 -18.08 15.43 6.73
C GLN A 83 -17.17 14.30 6.24
N LYS A 84 -17.25 13.16 6.91
CA LYS A 84 -16.47 11.98 6.51
C LYS A 84 -16.99 11.46 5.17
N ILE A 85 -16.08 11.19 4.23
CA ILE A 85 -16.46 10.69 2.91
C ILE A 85 -15.60 9.49 2.61
N THR A 86 -16.18 8.30 2.58
CA THR A 86 -15.38 7.09 2.40
C THR A 86 -15.38 6.75 0.90
N GLY A 87 -14.52 7.41 0.16
CA GLY A 87 -14.38 7.21 -1.29
C GLY A 87 -15.07 8.27 -2.11
N ILE A 88 -14.31 9.22 -2.63
CA ILE A 88 -14.89 10.15 -3.57
CA ILE A 88 -14.78 10.16 -3.66
C ILE A 88 -15.45 9.33 -4.76
N VAL A 89 -14.76 8.25 -5.18
CA VAL A 89 -15.37 7.26 -6.08
C VAL A 89 -15.31 5.93 -5.36
N ARG A 90 -16.41 5.19 -5.37
CA ARG A 90 -16.46 3.92 -4.67
C ARG A 90 -17.45 2.94 -5.27
N SER A 91 -17.42 1.70 -4.80
CA SER A 91 -18.48 0.74 -5.12
C SER A 91 -19.51 0.71 -4.00
N PRO A 92 -20.73 0.19 -4.26
CA PRO A 92 -21.73 0.13 -3.20
C PRO A 92 -21.34 -0.74 -2.02
N PHE A 93 -21.55 -0.23 -0.82
CA PHE A 93 -21.41 -1.01 0.41
C PHE A 93 -22.37 -2.18 0.41
N GLY A 94 -21.94 -3.36 0.84
CA GLY A 94 -22.86 -4.46 1.04
C GLY A 94 -23.43 -5.05 -0.24
N GLU A 95 -22.77 -4.77 -1.39
CA GLU A 95 -23.04 -5.44 -2.69
C GLU A 95 -21.74 -5.98 -3.27
N GLU A 96 -21.77 -7.15 -3.93
CA GLU A 96 -20.60 -7.69 -4.63
C GLU A 96 -20.58 -7.09 -6.03
N THR A 97 -19.74 -6.10 -6.20
CA THR A 97 -19.68 -5.32 -7.43
C THR A 97 -18.58 -5.87 -8.34
N SER A 98 -18.80 -5.93 -9.65
N SER A 98 -18.82 -5.90 -9.66
CA SER A 98 -17.78 -6.52 -10.52
CA SER A 98 -17.89 -6.60 -10.55
C SER A 98 -17.58 -5.76 -11.82
C SER A 98 -17.61 -5.83 -11.86
N ASN A 99 -16.37 -5.90 -12.36
CA ASN A 99 -15.99 -5.37 -13.68
C ASN A 99 -16.24 -3.87 -13.76
N PHE A 100 -15.48 -3.14 -12.95
CA PHE A 100 -15.63 -1.70 -12.89
C PHE A 100 -14.31 -1.07 -12.58
N GLY A 101 -14.21 0.26 -12.66
CA GLY A 101 -12.95 0.89 -12.37
C GLY A 101 -12.84 2.27 -13.01
N MET A 102 -11.60 2.76 -13.10
CA MET A 102 -11.40 4.14 -13.53
C MET A 102 -10.06 4.26 -14.22
N ARG A 103 -9.91 5.25 -15.13
CA ARG A 103 -8.64 5.45 -15.81
C ARG A 103 -8.48 6.91 -16.21
N ASP A 104 -7.24 7.36 -16.32
CA ASP A 104 -6.89 8.62 -17.03
C ASP A 104 -7.58 9.82 -16.39
N LEU A 105 -7.45 9.95 -15.08
CA LEU A 105 -8.05 11.09 -14.40
C LEU A 105 -7.38 11.29 -13.05
N THR A 106 -7.67 12.41 -12.42
CA THR A 106 -7.17 12.77 -11.08
C THR A 106 -8.31 12.92 -10.12
N LEU A 107 -8.20 12.37 -8.90
CA LEU A 107 -9.09 12.66 -7.78
C LEU A 107 -8.35 13.57 -6.81
N ASP A 108 -8.98 14.65 -6.39
CA ASP A 108 -8.35 15.66 -5.52
C ASP A 108 -9.27 15.91 -4.34
N GLY A 109 -8.77 15.59 -3.15
CA GLY A 109 -9.60 15.64 -1.95
C GLY A 109 -9.67 17.00 -1.29
N ASN A 110 -8.94 17.98 -1.83
CA ASN A 110 -9.10 19.36 -1.35
C ASN A 110 -8.90 19.46 0.20
N ARG A 111 -7.92 18.73 0.73
CA ARG A 111 -7.76 18.70 2.19
C ARG A 111 -7.49 20.10 2.75
N ALA A 112 -6.88 21.00 1.98
CA ALA A 112 -6.57 22.34 2.50
C ALA A 112 -7.82 23.17 2.76
N ASN A 113 -8.92 22.89 2.08
CA ASN A 113 -10.13 23.70 2.17
C ASN A 113 -11.36 22.95 2.65
N THR A 114 -11.15 21.80 3.29
CA THR A 114 -12.23 20.98 3.83
C THR A 114 -11.79 20.42 5.17
N VAL A 115 -12.71 19.76 5.88
CA VAL A 115 -12.33 19.06 7.10
C VAL A 115 -12.94 17.66 7.09
N ASP A 116 -12.50 16.84 8.05
N ASP A 116 -12.52 16.86 8.08
CA ASP A 116 -12.94 15.46 8.21
CA ASP A 116 -12.93 15.47 8.30
C ASP A 116 -12.28 14.52 7.20
C ASP A 116 -12.20 14.54 7.31
N LYS A 117 -12.38 13.24 7.49
CA LYS A 117 -11.64 12.23 6.76
C LYS A 117 -12.26 11.86 5.42
N VAL A 118 -11.46 12.02 4.38
CA VAL A 118 -11.88 11.81 3.00
C VAL A 118 -10.89 10.86 2.36
N ASP A 119 -11.41 9.77 1.78
CA ASP A 119 -10.58 8.80 1.05
C ASP A 119 -10.86 8.91 -0.43
N GLY A 120 -9.85 8.71 -1.26
CA GLY A 120 -10.03 8.93 -2.71
C GLY A 120 -10.87 7.88 -3.43
N TRP A 121 -10.37 6.66 -3.39
CA TRP A 121 -11.02 5.49 -3.94
C TRP A 121 -11.32 4.53 -2.81
N PHE A 122 -12.54 3.96 -2.76
CA PHE A 122 -12.85 2.85 -1.86
C PHE A 122 -13.66 1.81 -2.56
N ASN A 123 -13.41 0.54 -2.32
CA ASN A 123 -14.39 -0.46 -2.83
C ASN A 123 -14.33 -1.66 -1.92
N GLY A 124 -15.43 -2.37 -1.82
CA GLY A 124 -15.46 -3.62 -1.10
C GLY A 124 -16.90 -4.05 -0.88
N TYR A 125 -17.07 -5.06 -0.04
CA TYR A 125 -18.37 -5.59 0.31
C TYR A 125 -18.70 -5.11 1.73
N ALA A 126 -18.21 -5.81 2.79
CA ALA A 126 -18.53 -5.39 4.15
C ALA A 126 -17.57 -6.13 5.13
N PRO A 127 -17.06 -5.40 6.14
CA PRO A 127 -16.06 -5.99 7.04
C PRO A 127 -16.62 -7.18 7.79
N GLY A 128 -15.89 -8.30 7.78
CA GLY A 128 -16.30 -9.48 8.53
C GLY A 128 -17.34 -10.31 7.85
N GLN A 129 -17.80 -9.89 6.67
CA GLN A 129 -18.85 -10.61 5.97
C GLN A 129 -18.31 -11.34 4.76
N PRO A 130 -18.85 -12.50 4.45
CA PRO A 130 -18.41 -13.23 3.27
C PRO A 130 -18.96 -12.44 2.08
N GLY A 131 -18.14 -12.20 1.07
CA GLY A 131 -18.61 -11.42 -0.07
C GLY A 131 -17.44 -10.63 -0.60
N ALA A 132 -17.37 -10.44 -1.92
CA ALA A 132 -16.24 -9.77 -2.53
C ALA A 132 -16.64 -9.00 -3.77
N ASP A 133 -16.13 -7.79 -3.89
CA ASP A 133 -16.06 -7.15 -5.21
C ASP A 133 -15.07 -7.94 -6.08
N ARG A 134 -15.16 -7.89 -7.44
CA ARG A 134 -14.07 -8.49 -8.27
C ARG A 134 -13.78 -7.77 -9.57
N ASN A 135 -12.59 -7.98 -10.11
CA ASN A 135 -12.21 -7.44 -11.41
C ASN A 135 -12.33 -5.95 -11.42
N VAL A 136 -11.73 -5.33 -10.43
CA VAL A 136 -11.53 -3.88 -10.40
C VAL A 136 -10.32 -3.53 -11.20
N THR A 137 -10.43 -2.60 -12.16
CA THR A 137 -9.24 -2.17 -12.93
C THR A 137 -9.07 -0.68 -12.85
N ILE A 138 -7.95 -0.25 -12.33
CA ILE A 138 -7.63 1.17 -12.19
C ILE A 138 -6.34 1.37 -12.92
N GLU A 139 -6.27 2.30 -13.88
CA GLU A 139 -5.05 2.51 -14.68
C GLU A 139 -4.80 3.99 -14.83
N ARG A 140 -3.59 4.48 -14.59
CA ARG A 140 -3.25 5.89 -14.90
C ARG A 140 -4.19 6.82 -14.16
N VAL A 141 -4.32 6.64 -12.85
CA VAL A 141 -5.06 7.56 -12.01
C VAL A 141 -4.13 8.19 -11.04
N GLU A 142 -4.35 9.50 -10.77
CA GLU A 142 -3.68 10.23 -9.74
C GLU A 142 -4.62 10.52 -8.59
N VAL A 143 -4.21 10.22 -7.36
CA VAL A 143 -5.02 10.57 -6.19
C VAL A 143 -4.17 11.46 -5.29
N ARG A 144 -4.68 12.64 -4.96
CA ARG A 144 -3.92 13.62 -4.19
C ARG A 144 -4.81 14.36 -3.23
N GLU A 145 -4.19 14.90 -2.20
CA GLU A 145 -4.80 15.91 -1.31
C GLU A 145 -6.03 15.33 -0.58
N MET A 146 -6.06 14.01 -0.35
CA MET A 146 -7.05 13.41 0.53
C MET A 146 -6.62 13.53 1.97
N SER A 147 -7.51 13.90 2.86
CA SER A 147 -7.12 13.91 4.27
C SER A 147 -6.95 12.50 4.84
N GLY A 148 -7.57 11.52 4.17
CA GLY A 148 -7.45 10.11 4.53
C GLY A 148 -6.57 9.33 3.60
N TYR A 149 -7.08 8.21 3.11
CA TYR A 149 -6.32 7.33 2.22
C TYR A 149 -6.42 7.80 0.77
N GLY A 150 -5.40 7.49 -0.02
CA GLY A 150 -5.44 7.73 -1.45
C GLY A 150 -6.33 6.70 -2.14
N PHE A 151 -5.75 5.54 -2.42
CA PHE A 151 -6.49 4.37 -2.96
C PHE A 151 -6.73 3.38 -1.84
N ASP A 152 -8.00 3.00 -1.59
CA ASP A 152 -8.32 2.03 -0.55
C ASP A 152 -9.23 0.92 -1.11
N PRO A 153 -8.73 0.12 -2.05
CA PRO A 153 -9.43 -1.15 -2.36
C PRO A 153 -9.45 -2.01 -1.09
N HIS A 154 -10.63 -2.59 -0.80
CA HIS A 154 -10.91 -3.00 0.57
C HIS A 154 -11.66 -4.31 0.64
N GLU A 155 -11.95 -4.73 1.86
CA GLU A 155 -12.43 -6.07 2.12
C GLU A 155 -13.79 -6.37 1.45
N GLN A 156 -13.97 -7.51 0.78
CA GLN A 156 -12.92 -8.24 0.04
C GLN A 156 -12.94 -7.80 -1.39
N THR A 157 -11.80 -7.84 -2.09
CA THR A 157 -11.74 -7.65 -3.55
C THR A 157 -10.92 -8.77 -4.15
N ILE A 158 -11.46 -9.42 -5.16
CA ILE A 158 -10.73 -10.47 -5.91
C ILE A 158 -10.23 -9.90 -7.24
N ASN A 159 -8.97 -10.10 -7.59
CA ASN A 159 -8.44 -9.77 -8.90
C ASN A 159 -8.39 -8.28 -9.19
N LEU A 160 -8.10 -7.45 -8.20
CA LEU A 160 -7.73 -6.06 -8.46
C LEU A 160 -6.55 -5.97 -9.42
N VAL A 161 -6.64 -5.04 -10.36
CA VAL A 161 -5.47 -4.56 -11.07
C VAL A 161 -5.39 -3.08 -10.86
N LEU A 162 -4.34 -2.56 -10.21
CA LEU A 162 -4.16 -1.14 -9.97
C LEU A 162 -2.77 -0.84 -10.50
N ARG A 163 -2.67 -0.15 -11.65
CA ARG A 163 -1.40 -0.01 -12.32
C ARG A 163 -1.16 1.41 -12.80
N ASP A 164 0.13 1.74 -12.96
CA ASP A 164 0.56 2.99 -13.61
C ASP A 164 -0.10 4.22 -12.97
N SER A 165 -0.31 4.18 -11.66
CA SER A 165 -1.03 5.21 -10.92
C SER A 165 -0.14 5.88 -9.89
N VAL A 166 -0.62 6.99 -9.34
N VAL A 166 -0.57 7.01 -9.33
CA VAL A 166 0.16 7.81 -8.44
CA VAL A 166 0.30 7.73 -8.42
C VAL A 166 -0.69 8.25 -7.27
C VAL A 166 -0.57 8.31 -7.30
N ALA A 167 -0.14 8.15 -6.05
CA ALA A 167 -0.84 8.71 -4.89
C ALA A 167 0.14 9.58 -4.13
N HIS A 168 -0.20 10.86 -3.93
CA HIS A 168 0.71 11.77 -3.27
C HIS A 168 -0.04 12.78 -2.45
N HIS A 169 0.63 13.29 -1.43
CA HIS A 169 0.05 14.40 -0.59
C HIS A 169 -1.28 14.01 -0.02
N ASN A 170 -1.38 12.77 0.48
CA ASN A 170 -2.53 12.31 1.25
C ASN A 170 -2.20 12.23 2.74
N GLY A 171 -3.23 12.31 3.59
CA GLY A 171 -2.98 12.39 5.04
C GLY A 171 -2.68 11.05 5.70
N LEU A 172 -3.12 9.95 5.10
CA LEU A 172 -2.78 8.61 5.63
C LEU A 172 -1.89 7.92 4.63
N ASP A 173 -2.34 6.81 4.03
CA ASP A 173 -1.48 6.03 3.14
C ASP A 173 -1.81 6.28 1.69
N GLY A 174 -0.82 6.22 0.81
CA GLY A 174 -1.05 6.40 -0.61
C GLY A 174 -1.93 5.32 -1.20
N PHE A 175 -1.59 4.04 -0.87
CA PHE A 175 -2.27 2.87 -1.39
C PHE A 175 -2.46 1.90 -0.25
N VAL A 176 -3.66 1.37 -0.09
CA VAL A 176 -3.98 0.31 0.88
C VAL A 176 -4.42 -0.91 0.10
N ALA A 177 -3.98 -2.10 0.48
CA ALA A 177 -4.52 -3.33 -0.10
C ALA A 177 -5.16 -4.07 1.07
N ASP A 178 -6.44 -3.84 1.35
CA ASP A 178 -7.13 -4.38 2.52
C ASP A 178 -7.97 -5.57 2.07
N TYR A 179 -7.70 -6.76 2.62
CA TYR A 179 -8.31 -8.05 2.23
C TYR A 179 -8.51 -8.16 0.71
N GLN A 180 -7.39 -8.01 0.02
CA GLN A 180 -7.30 -8.30 -1.43
C GLN A 180 -6.94 -9.77 -1.62
N ILE A 181 -7.57 -10.46 -2.55
CA ILE A 181 -7.28 -11.84 -2.92
C ILE A 181 -6.89 -11.89 -4.38
N GLY A 182 -5.70 -12.35 -4.74
CA GLY A 182 -5.33 -12.48 -6.15
C GLY A 182 -5.27 -11.14 -6.83
N GLY A 183 -4.72 -10.13 -6.17
CA GLY A 183 -4.64 -8.79 -6.72
C GLY A 183 -3.23 -8.36 -7.09
N THR A 184 -3.12 -7.22 -7.78
CA THR A 184 -1.84 -6.72 -8.24
C THR A 184 -1.79 -5.21 -8.14
N PHE A 185 -0.71 -4.72 -7.56
CA PHE A 185 -0.25 -3.31 -7.73
C PHE A 185 0.94 -3.32 -8.63
N GLU A 186 0.93 -2.63 -9.78
CA GLU A 186 2.07 -2.66 -10.67
C GLU A 186 2.44 -1.27 -11.17
N ASN A 187 3.71 -0.90 -11.12
CA ASN A 187 4.22 0.35 -11.71
C ASN A 187 3.56 1.58 -11.07
N ASN A 188 3.22 1.53 -9.79
CA ASN A 188 2.65 2.69 -9.10
C ASN A 188 3.72 3.51 -8.38
N VAL A 189 3.42 4.74 -8.03
CA VAL A 189 4.30 5.62 -7.28
C VAL A 189 3.53 6.23 -6.11
N ALA A 190 4.09 6.17 -4.91
CA ALA A 190 3.51 6.79 -3.72
C ALA A 190 4.55 7.70 -3.11
N TYR A 191 4.27 8.99 -3.04
CA TYR A 191 5.24 9.91 -2.42
C TYR A 191 4.55 11.00 -1.65
N ALA A 192 5.25 11.51 -0.63
CA ALA A 192 4.78 12.65 0.16
C ALA A 192 3.43 12.38 0.80
N ASN A 193 3.12 11.14 1.17
CA ASN A 193 1.97 10.85 2.00
C ASN A 193 2.37 10.98 3.45
N ASP A 194 1.44 11.38 4.31
CA ASP A 194 1.87 11.63 5.69
C ASP A 194 2.08 10.36 6.48
N ARG A 195 1.47 9.25 6.06
CA ARG A 195 1.79 7.94 6.68
C ARG A 195 2.47 7.05 5.61
N HIS A 196 1.92 5.89 5.24
CA HIS A 196 2.72 4.96 4.44
C HIS A 196 2.59 5.20 2.95
N GLY A 197 3.56 4.78 2.18
CA GLY A 197 3.36 4.75 0.72
C GLY A 197 2.32 3.69 0.35
N PHE A 198 2.58 2.45 0.79
CA PHE A 198 1.76 1.24 0.50
C PHE A 198 1.55 0.51 1.84
N ASN A 199 0.32 0.04 2.03
CA ASN A 199 -0.08 -0.66 3.28
C ASN A 199 -0.90 -1.86 2.90
N ILE A 200 -0.33 -3.06 3.03
CA ILE A 200 -1.03 -4.32 2.73
C ILE A 200 -1.52 -4.87 4.07
N VAL A 201 -2.80 -5.14 4.28
CA VAL A 201 -3.37 -5.35 5.61
C VAL A 201 -4.62 -6.21 5.51
N THR A 202 -5.07 -6.74 6.64
CA THR A 202 -6.37 -7.42 6.75
C THR A 202 -6.43 -8.61 5.83
N SER A 203 -5.56 -9.59 6.08
CA SER A 203 -5.69 -10.94 5.49
C SER A 203 -5.41 -11.00 4.00
N THR A 204 -4.95 -9.94 3.37
CA THR A 204 -4.58 -9.97 1.94
C THR A 204 -3.71 -11.19 1.62
N ASN A 205 -4.01 -11.87 0.54
CA ASN A 205 -3.23 -13.07 0.20
C ASN A 205 -3.16 -13.29 -1.28
N ASP A 206 -2.08 -13.90 -1.74
CA ASP A 206 -1.79 -14.09 -3.17
C ASP A 206 -1.83 -12.74 -3.86
N PHE A 207 -0.92 -11.87 -3.48
CA PHE A 207 -0.91 -10.50 -3.94
C PHE A 207 0.46 -10.14 -4.46
N VAL A 208 0.52 -9.41 -5.57
N VAL A 208 0.56 -9.51 -5.61
CA VAL A 208 1.79 -9.04 -6.19
CA VAL A 208 1.89 -9.15 -6.09
C VAL A 208 1.93 -7.52 -6.16
C VAL A 208 2.01 -7.66 -6.29
N MET A 209 3.11 -7.08 -5.75
CA MET A 209 3.54 -5.69 -5.90
C MET A 209 4.74 -5.59 -6.76
N ARG A 210 4.57 -5.31 -8.04
CA ARG A 210 5.63 -5.37 -9.03
C ARG A 210 6.08 -3.96 -9.44
N ASN A 211 7.35 -3.64 -9.31
N ASN A 211 7.35 -3.66 -9.21
CA ASN A 211 7.91 -2.37 -9.78
CA ASN A 211 8.01 -2.46 -9.69
C ASN A 211 7.14 -1.17 -9.23
C ASN A 211 7.34 -1.18 -9.20
N ASN A 212 6.87 -1.16 -7.95
CA ASN A 212 6.30 0.04 -7.32
C ASN A 212 7.38 0.86 -6.66
N VAL A 213 7.11 2.16 -6.50
CA VAL A 213 8.07 3.10 -5.91
C VAL A 213 7.41 3.84 -4.80
N ALA A 214 8.03 3.87 -3.63
CA ALA A 214 7.53 4.68 -2.52
C ALA A 214 8.65 5.50 -1.92
N TYR A 215 8.51 6.83 -1.93
CA TYR A 215 9.56 7.66 -1.34
C TYR A 215 8.93 8.87 -0.63
N GLY A 216 9.67 9.39 0.35
CA GLY A 216 9.27 10.64 0.96
C GLY A 216 7.99 10.54 1.74
N ASN A 217 7.58 9.34 2.18
CA ASN A 217 6.38 9.20 3.00
C ASN A 217 6.74 9.30 4.48
N GLY A 218 5.81 9.74 5.32
CA GLY A 218 6.11 9.92 6.74
C GLY A 218 6.25 8.62 7.51
N GLY A 219 5.57 7.57 7.05
CA GLY A 219 5.61 6.25 7.66
C GLY A 219 6.58 5.33 6.91
N ASN A 220 6.11 4.11 6.65
CA ASN A 220 6.94 3.17 5.87
C ASN A 220 6.85 3.45 4.39
N GLY A 221 7.82 3.04 3.61
CA GLY A 221 7.63 2.93 2.16
C GLY A 221 6.51 1.91 1.86
N LEU A 222 6.69 0.72 2.43
CA LEU A 222 5.72 -0.38 2.34
C LEU A 222 5.64 -1.04 3.70
N VAL A 223 4.42 -1.26 4.18
CA VAL A 223 4.19 -2.14 5.33
C VAL A 223 3.23 -3.24 4.88
N VAL A 224 3.51 -4.46 5.32
CA VAL A 224 2.62 -5.61 5.20
C VAL A 224 2.29 -5.99 6.63
N GLN A 225 1.04 -5.93 7.07
CA GLN A 225 0.74 -6.11 8.48
C GLN A 225 -0.60 -6.72 8.68
N ARG A 226 -0.72 -7.40 9.82
CA ARG A 226 -2.04 -7.95 10.19
C ARG A 226 -3.11 -6.89 10.34
N GLY A 227 -2.74 -5.77 10.97
CA GLY A 227 -3.76 -4.79 11.34
C GLY A 227 -4.17 -4.92 12.80
N SER A 228 -5.24 -4.23 13.17
N SER A 228 -5.25 -4.25 13.18
CA SER A 228 -5.60 -4.12 14.58
CA SER A 228 -5.61 -4.14 14.60
C SER A 228 -6.51 -5.24 15.10
C SER A 228 -6.58 -5.21 15.11
N GLU A 229 -7.03 -6.10 14.22
CA GLU A 229 -8.01 -7.12 14.66
CA GLU A 229 -8.03 -7.11 14.56
C GLU A 229 -7.45 -8.54 14.62
N ASN A 230 -8.15 -9.42 15.31
CA ASN A 230 -7.72 -10.81 15.45
C ASN A 230 -8.13 -11.63 14.25
N LEU A 231 -7.48 -11.35 13.12
CA LEU A 231 -7.84 -11.94 11.84
C LEU A 231 -6.70 -12.76 11.30
N ALA A 232 -6.96 -13.61 10.31
CA ALA A 232 -5.90 -14.33 9.60
C ALA A 232 -4.83 -13.39 9.10
N HIS A 233 -3.55 -13.73 9.31
CA HIS A 233 -2.45 -12.85 8.87
C HIS A 233 -2.36 -12.82 7.35
N PRO A 234 -1.90 -11.71 6.75
CA PRO A 234 -1.59 -11.70 5.32
C PRO A 234 -0.58 -12.77 5.02
N GLU A 235 -0.69 -13.37 3.82
CA GLU A 235 0.26 -14.40 3.45
C GLU A 235 0.40 -14.52 1.92
N ASN A 236 1.53 -15.06 1.47
CA ASN A 236 1.75 -15.32 0.04
CA ASN A 236 1.81 -15.27 0.04
C ASN A 236 1.73 -13.98 -0.74
N ILE A 237 2.62 -13.10 -0.35
CA ILE A 237 2.73 -11.81 -0.99
CA ILE A 237 2.74 -11.72 -0.84
C ILE A 237 4.10 -11.64 -1.57
N LEU A 238 4.14 -11.16 -2.81
CA LEU A 238 5.40 -11.00 -3.55
C LEU A 238 5.63 -9.53 -3.80
N ILE A 239 6.71 -8.99 -3.30
CA ILE A 239 7.17 -7.64 -3.62
C ILE A 239 8.35 -7.82 -4.56
N ASP A 240 8.18 -7.50 -5.83
CA ASP A 240 9.14 -7.81 -6.87
C ASP A 240 9.63 -6.52 -7.50
N GLY A 241 10.88 -6.13 -7.24
CA GLY A 241 11.47 -4.96 -7.84
C GLY A 241 10.96 -3.68 -7.17
N GLY A 242 11.25 -2.58 -7.81
CA GLY A 242 10.83 -1.27 -7.28
C GLY A 242 11.87 -0.68 -6.33
N SER A 243 11.44 0.42 -5.71
CA SER A 243 12.35 1.24 -4.90
C SER A 243 11.59 1.80 -3.72
N TYR A 244 12.17 1.74 -2.54
CA TYR A 244 11.54 2.15 -1.30
C TYR A 244 12.54 2.98 -0.56
N TYR A 245 12.44 4.31 -0.65
CA TYR A 245 13.54 5.14 -0.18
C TYR A 245 13.09 6.43 0.46
N ASP A 246 13.92 6.95 1.35
CA ASP A 246 13.71 8.28 1.93
C ASP A 246 12.38 8.37 2.65
N ASN A 247 11.94 7.28 3.28
CA ASN A 247 10.73 7.30 4.10
C ASN A 247 11.05 7.53 5.55
N GLY A 248 10.07 7.93 6.33
CA GLY A 248 10.35 8.33 7.73
C GLY A 248 10.69 7.16 8.62
N LEU A 249 10.08 6.00 8.42
CA LEU A 249 10.30 4.82 9.26
C LEU A 249 11.14 3.82 8.46
N GLU A 250 10.80 2.54 8.48
CA GLU A 250 11.54 1.53 7.71
C GLU A 250 11.16 1.64 6.25
N GLY A 251 12.07 1.24 5.36
CA GLY A 251 11.73 1.12 3.94
C GLY A 251 10.59 0.13 3.72
N VAL A 252 10.77 -1.08 4.26
CA VAL A 252 9.80 -2.18 4.14
C VAL A 252 9.67 -2.83 5.51
N LEU A 253 8.45 -2.87 6.02
CA LEU A 253 8.11 -3.52 7.29
C LEU A 253 7.19 -4.69 7.00
N VAL A 254 7.51 -5.88 7.56
CA VAL A 254 6.61 -7.03 7.49
C VAL A 254 6.26 -7.42 8.93
N LYS A 255 5.02 -7.25 9.31
CA LYS A 255 4.58 -7.37 10.72
C LYS A 255 3.43 -8.34 10.81
N MET A 256 3.57 -9.41 11.60
CA MET A 256 2.45 -10.37 11.79
C MET A 256 1.85 -10.78 10.41
N SER A 257 2.76 -11.14 9.52
CA SER A 257 2.40 -11.64 8.18
C SER A 257 3.33 -12.78 7.86
N ASN A 258 2.96 -13.70 6.98
CA ASN A 258 3.78 -14.88 6.69
C ASN A 258 3.99 -15.07 5.19
N ASN A 259 5.11 -15.71 4.84
CA ASN A 259 5.33 -16.10 3.43
C ASN A 259 5.27 -14.85 2.53
N VAL A 260 5.98 -13.82 2.96
CA VAL A 260 6.16 -12.61 2.18
C VAL A 260 7.55 -12.63 1.58
N THR A 261 7.68 -12.38 0.29
CA THR A 261 8.97 -12.31 -0.39
C THR A 261 9.22 -10.87 -0.82
N VAL A 262 10.37 -10.31 -0.45
CA VAL A 262 10.82 -9.02 -0.93
C VAL A 262 12.04 -9.28 -1.76
N GLN A 263 11.99 -9.04 -3.06
CA GLN A 263 13.12 -9.40 -3.91
C GLN A 263 13.44 -8.34 -4.94
N ASN A 264 14.71 -8.22 -5.29
CA ASN A 264 15.19 -7.38 -6.40
C ASN A 264 14.83 -5.89 -6.28
N ALA A 265 14.69 -5.41 -5.06
CA ALA A 265 14.29 -4.01 -4.79
C ALA A 265 15.47 -3.18 -4.35
N ASP A 266 15.34 -1.86 -4.45
CA ASP A 266 16.37 -0.93 -4.04
C ASP A 266 15.81 -0.16 -2.84
N ILE A 267 16.42 -0.32 -1.68
CA ILE A 267 15.86 0.12 -0.40
C ILE A 267 16.88 0.95 0.34
N HIS A 268 16.71 2.28 0.40
CA HIS A 268 17.80 3.13 0.82
C HIS A 268 17.30 4.42 1.41
N GLY A 269 18.12 5.05 2.28
CA GLY A 269 17.82 6.39 2.75
C GLY A 269 16.68 6.49 3.75
N ASN A 270 16.18 5.37 4.25
CA ASN A 270 15.05 5.42 5.15
C ASN A 270 15.46 5.83 6.57
N GLY A 271 14.51 6.33 7.34
CA GLY A 271 14.85 6.83 8.68
C GLY A 271 15.34 5.74 9.62
N SER A 272 14.69 4.60 9.54
CA SER A 272 15.11 3.48 10.37
CA SER A 272 14.93 3.42 10.36
C SER A 272 15.67 2.38 9.47
N SER A 273 15.53 1.11 9.83
CA SER A 273 16.12 0.03 9.03
C SER A 273 15.61 0.02 7.62
N GLY A 274 16.37 -0.52 6.69
CA GLY A 274 15.83 -0.75 5.36
C GLY A 274 14.68 -1.73 5.38
N VAL A 275 14.89 -2.88 6.02
CA VAL A 275 13.86 -3.92 6.13
C VAL A 275 13.74 -4.34 7.58
N ARG A 276 12.52 -4.42 8.08
CA ARG A 276 12.24 -4.96 9.43
C ARG A 276 11.21 -6.05 9.32
N VAL A 277 11.49 -7.18 9.97
CA VAL A 277 10.60 -8.34 10.04
C VAL A 277 10.18 -8.49 11.49
N TYR A 278 8.89 -8.44 11.78
CA TYR A 278 8.41 -8.25 13.14
C TYR A 278 7.28 -9.23 13.39
N GLY A 279 7.56 -10.37 14.00
CA GLY A 279 6.56 -11.41 14.23
C GLY A 279 6.06 -12.08 12.98
N ALA A 280 6.95 -12.51 12.11
CA ALA A 280 6.61 -13.05 10.76
C ALA A 280 7.27 -14.38 10.51
N GLN A 281 6.61 -15.28 9.79
CA GLN A 281 7.20 -16.59 9.47
C GLN A 281 7.42 -16.75 7.98
N GLY A 282 8.55 -17.33 7.61
CA GLY A 282 8.79 -17.65 6.21
C GLY A 282 9.07 -16.48 5.29
N VAL A 283 9.49 -15.34 5.86
CA VAL A 283 9.81 -14.21 4.99
C VAL A 283 11.10 -14.47 4.21
N GLN A 284 11.13 -14.08 2.94
N GLN A 284 11.07 -14.14 2.92
CA GLN A 284 12.32 -14.25 2.10
CA GLN A 284 12.20 -14.25 2.01
C GLN A 284 12.76 -12.90 1.55
C GLN A 284 12.69 -12.82 1.69
N ILE A 285 13.97 -12.52 1.91
CA ILE A 285 14.57 -11.24 1.52
CA ILE A 285 14.56 -11.23 1.56
C ILE A 285 15.67 -11.58 0.57
N LEU A 286 15.42 -11.38 -0.73
CA LEU A 286 16.24 -11.98 -1.76
C LEU A 286 16.76 -10.94 -2.75
N GLY A 287 18.06 -10.87 -2.99
CA GLY A 287 18.59 -10.09 -4.12
C GLY A 287 18.28 -8.60 -4.09
N ASN A 288 18.09 -8.00 -2.94
CA ASN A 288 17.87 -6.57 -2.82
C ASN A 288 19.16 -5.79 -2.66
N GLN A 289 19.13 -4.51 -3.02
CA GLN A 289 20.16 -3.55 -2.63
C GLN A 289 19.63 -2.81 -1.41
N ILE A 290 20.21 -2.97 -0.24
CA ILE A 290 19.71 -2.40 1.00
C ILE A 290 20.86 -1.54 1.51
N HIS A 291 20.74 -0.22 1.48
CA HIS A 291 21.91 0.60 1.75
C HIS A 291 21.53 1.96 2.31
N ASP A 292 22.44 2.50 3.12
CA ASP A 292 22.36 3.89 3.58
C ASP A 292 21.03 4.17 4.25
N ASN A 293 20.57 3.25 5.11
CA ASN A 293 19.37 3.49 5.90
C ASN A 293 19.78 4.02 7.29
N ALA A 294 18.92 3.93 8.29
CA ALA A 294 19.23 4.44 9.64
C ALA A 294 19.55 5.95 9.58
N LYS A 295 18.85 6.69 8.73
CA LYS A 295 19.14 8.11 8.61
C LYS A 295 18.75 8.90 9.84
N THR A 296 17.74 8.46 10.58
CA THR A 296 17.26 9.18 11.78
C THR A 296 17.95 8.84 13.06
N ALA A 297 18.37 7.59 13.21
CA ALA A 297 19.05 7.15 14.44
C ALA A 297 19.62 5.78 14.18
N VAL A 298 20.56 5.39 15.01
CA VAL A 298 21.30 4.18 14.74
C VAL A 298 20.35 3.00 14.71
N ALA A 299 20.54 2.16 13.72
CA ALA A 299 19.70 1.00 13.45
C ALA A 299 20.44 0.06 12.52
N PRO A 300 20.08 -1.23 12.48
CA PRO A 300 20.69 -2.12 11.50
C PRO A 300 20.04 -1.96 10.14
N GLU A 301 20.73 -2.40 9.08
CA GLU A 301 20.10 -2.33 7.76
C GLU A 301 18.87 -3.25 7.66
N VAL A 302 18.95 -4.45 8.30
CA VAL A 302 17.86 -5.41 8.39
C VAL A 302 17.69 -5.79 9.85
N LEU A 303 16.47 -5.67 10.38
CA LEU A 303 16.15 -6.11 11.76
C LEU A 303 15.16 -7.26 11.71
N LEU A 304 15.43 -8.30 12.46
CA LEU A 304 14.56 -9.47 12.61
C LEU A 304 14.16 -9.59 14.08
N GLN A 305 12.89 -9.57 14.39
CA GLN A 305 12.43 -9.54 15.79
C GLN A 305 11.05 -10.15 15.90
N SER A 306 10.70 -10.58 17.11
CA SER A 306 9.38 -11.20 17.37
C SER A 306 8.37 -10.19 17.86
N TYR A 307 7.08 -10.50 17.69
CA TYR A 307 6.02 -9.57 18.10
C TYR A 307 5.27 -10.13 19.28
N ASP A 308 5.29 -9.39 20.39
CA ASP A 308 4.59 -9.84 21.61
C ASP A 308 3.15 -9.34 21.61
N ASP A 309 2.24 -10.23 21.21
CA ASP A 309 0.80 -9.87 21.18
C ASP A 309 0.08 -10.56 22.34
N THR A 310 0.81 -10.94 23.40
CA THR A 310 0.16 -11.71 24.47
C THR A 310 -0.89 -10.89 25.22
N LEU A 311 -0.76 -9.57 25.25
CA LEU A 311 -1.78 -8.68 25.85
C LEU A 311 -2.61 -7.95 24.78
N GLY A 312 -2.46 -8.40 23.54
CA GLY A 312 -3.23 -7.83 22.42
C GLY A 312 -4.40 -8.73 22.05
N VAL A 313 -4.95 -8.52 20.84
CA VAL A 313 -6.21 -9.15 20.49
C VAL A 313 -6.05 -10.67 20.29
N SER A 314 -4.86 -11.17 19.99
CA SER A 314 -4.70 -12.60 19.76
C SER A 314 -4.29 -13.37 20.99
N GLY A 315 -3.65 -12.73 21.95
CA GLY A 315 -3.09 -13.45 23.09
C GLY A 315 -1.82 -14.21 22.75
N ASN A 316 -1.25 -14.08 21.54
CA ASN A 316 -0.13 -14.90 21.14
C ASN A 316 1.18 -14.15 21.12
N TYR A 317 2.26 -14.91 21.28
CA TYR A 317 3.63 -14.41 21.08
C TYR A 317 4.04 -14.89 19.71
N TYR A 318 4.34 -13.99 18.78
CA TYR A 318 4.68 -14.39 17.42
C TYR A 318 6.17 -14.31 17.20
N THR A 319 6.87 -15.44 17.34
N THR A 319 6.77 -15.50 17.21
CA THR A 319 8.28 -15.36 17.03
CA THR A 319 8.20 -15.69 17.04
C THR A 319 8.42 -15.22 15.52
C THR A 319 8.57 -15.57 15.54
N THR A 320 9.51 -14.65 15.14
CA THR A 320 9.94 -14.60 13.73
C THR A 320 10.72 -15.85 13.46
N LEU A 321 10.28 -16.68 12.52
CA LEU A 321 10.88 -17.96 12.24
C LEU A 321 11.13 -18.17 10.75
N ASN A 322 12.21 -18.79 10.39
CA ASN A 322 12.45 -19.28 9.03
CA ASN A 322 12.46 -19.26 9.02
C ASN A 322 12.57 -18.12 8.04
N THR A 323 13.25 -17.09 8.43
CA THR A 323 13.55 -15.97 7.52
C THR A 323 14.72 -16.34 6.65
N ARG A 324 14.61 -16.28 5.34
CA ARG A 324 15.72 -16.57 4.44
C ARG A 324 16.25 -15.24 3.92
N VAL A 325 17.51 -14.89 4.13
CA VAL A 325 18.10 -13.62 3.69
C VAL A 325 19.23 -13.98 2.75
N GLU A 326 18.99 -13.89 1.45
CA GLU A 326 19.90 -14.47 0.49
C GLU A 326 20.22 -13.55 -0.68
N GLY A 327 21.48 -13.40 -1.03
CA GLY A 327 21.89 -12.72 -2.25
C GLY A 327 21.69 -11.21 -2.22
N ASN A 328 21.53 -10.62 -1.06
CA ASN A 328 21.39 -9.13 -0.94
C ASN A 328 22.73 -8.46 -0.96
N THR A 329 22.79 -7.21 -1.43
CA THR A 329 23.97 -6.37 -1.25
C THR A 329 23.56 -5.33 -0.22
N ILE A 330 24.15 -5.41 0.97
CA ILE A 330 23.80 -4.56 2.10
C ILE A 330 24.96 -3.67 2.41
N THR A 331 24.79 -2.34 2.35
CA THR A 331 25.87 -1.42 2.55
C THR A 331 25.46 -0.37 3.56
N GLY A 332 25.97 -0.44 4.78
CA GLY A 332 25.58 0.51 5.81
C GLY A 332 26.20 1.89 5.59
N SER A 333 25.65 2.84 6.29
CA SER A 333 26.27 4.15 6.28
C SER A 333 26.64 4.46 7.72
N ALA A 334 26.85 5.75 8.04
CA ALA A 334 27.46 6.12 9.32
C ALA A 334 26.68 5.65 10.54
N ASN A 335 25.37 5.61 10.41
CA ASN A 335 24.53 5.23 11.56
C ASN A 335 24.16 3.78 11.56
N SER A 336 24.51 3.00 10.56
CA SER A 336 24.07 1.61 10.48
C SER A 336 24.89 0.78 11.46
N THR A 337 24.27 -0.05 12.28
CA THR A 337 24.98 -0.88 13.29
C THR A 337 25.38 -2.22 12.64
N TYR A 338 24.43 -3.04 12.30
CA TYR A 338 24.67 -4.37 11.73
C TYR A 338 24.11 -4.47 10.35
N GLY A 339 24.63 -5.38 9.53
CA GLY A 339 23.94 -5.70 8.28
C GLY A 339 22.61 -6.36 8.51
N VAL A 340 22.62 -7.44 9.31
CA VAL A 340 21.42 -8.14 9.73
C VAL A 340 21.52 -8.36 11.23
N GLN A 341 20.50 -7.90 11.95
CA GLN A 341 20.40 -8.11 13.41
C GLN A 341 19.20 -8.94 13.75
N GLU A 342 19.37 -9.99 14.56
CA GLU A 342 18.26 -10.64 15.26
C GLU A 342 18.18 -10.14 16.68
N ARG A 343 17.03 -9.81 17.16
CA ARG A 343 16.84 -9.59 18.61
C ARG A 343 16.86 -10.92 19.36
N ASN A 344 17.33 -10.86 20.60
CA ASN A 344 17.38 -12.03 21.49
C ASN A 344 16.04 -12.23 22.16
N ASP A 345 15.01 -12.51 21.37
CA ASP A 345 13.62 -12.55 21.81
C ASP A 345 12.88 -13.79 21.33
N GLY A 346 13.63 -14.82 20.95
CA GLY A 346 13.03 -16.05 20.43
C GLY A 346 13.11 -16.12 18.93
N THR A 347 13.41 -15.03 18.23
CA THR A 347 13.60 -15.08 16.78
C THR A 347 14.60 -16.18 16.44
N ASP A 348 14.29 -17.01 15.47
CA ASP A 348 15.10 -18.20 15.26
C ASP A 348 14.94 -18.73 13.84
N PHE A 349 15.77 -19.68 13.50
CA PHE A 349 15.73 -20.35 12.19
C PHE A 349 15.94 -19.34 11.06
N SER A 350 16.67 -18.25 11.29
CA SER A 350 17.08 -17.39 10.16
C SER A 350 18.13 -18.10 9.35
N SER A 351 18.17 -17.94 8.01
N SER A 351 18.20 -17.88 8.06
CA SER A 351 19.24 -18.50 7.16
CA SER A 351 19.28 -18.43 7.26
C SER A 351 19.81 -17.42 6.20
C SER A 351 19.76 -17.32 6.38
N LEU A 352 21.00 -16.95 6.56
CA LEU A 352 21.67 -15.93 5.73
C LEU A 352 22.56 -16.67 4.77
N VAL A 353 22.45 -16.37 3.48
CA VAL A 353 23.13 -17.14 2.45
C VAL A 353 23.65 -16.17 1.39
N GLY A 354 24.95 -16.08 1.19
CA GLY A 354 25.47 -15.44 -0.01
C GLY A 354 25.19 -13.94 -0.07
N ASN A 355 25.15 -13.24 1.06
CA ASN A 355 24.97 -11.76 1.05
C ASN A 355 26.30 -11.04 0.94
N THR A 356 26.35 -9.92 0.23
CA THR A 356 27.50 -9.02 0.24
C THR A 356 27.23 -7.95 1.27
N ILE A 357 28.04 -7.82 2.31
CA ILE A 357 27.72 -6.93 3.45
C ILE A 357 28.91 -6.07 3.80
N ASN A 358 28.75 -4.76 3.71
CA ASN A 358 29.84 -3.79 3.95
C ASN A 358 29.35 -2.61 4.72
N GLY A 359 30.26 -1.80 5.24
CA GLY A 359 29.84 -0.54 5.83
C GLY A 359 29.15 -0.62 7.18
N VAL A 360 29.32 -1.72 7.90
CA VAL A 360 28.65 -1.95 9.17
C VAL A 360 29.63 -2.40 10.25
N GLN A 361 29.26 -2.30 11.53
N GLN A 361 29.23 -2.29 11.51
CA GLN A 361 30.20 -2.71 12.58
CA GLN A 361 30.10 -2.69 12.63
C GLN A 361 30.37 -4.24 12.60
C GLN A 361 30.33 -4.21 12.66
N GLU A 362 29.30 -4.96 12.30
CA GLU A 362 29.37 -6.41 12.22
CA GLU A 362 29.39 -6.40 12.21
C GLU A 362 28.39 -6.83 11.16
N ALA A 363 28.76 -7.77 10.29
CA ALA A 363 27.85 -8.14 9.23
C ALA A 363 26.56 -8.73 9.70
N ALA A 364 26.61 -9.70 10.60
CA ALA A 364 25.42 -10.37 11.10
C ALA A 364 25.55 -10.48 12.62
N HIS A 365 24.51 -10.14 13.33
CA HIS A 365 24.45 -10.21 14.80
C HIS A 365 23.28 -11.08 15.14
N LEU A 366 23.56 -12.37 15.33
CA LEU A 366 22.50 -13.40 15.47
C LEU A 366 22.42 -13.94 16.88
N TYR A 367 21.23 -14.37 17.28
CA TYR A 367 20.96 -15.01 18.54
C TYR A 367 20.21 -16.36 18.41
N GLY A 368 19.49 -16.62 17.34
CA GLY A 368 18.70 -17.85 17.34
C GLY A 368 19.59 -19.08 17.43
N PRO A 369 19.25 -20.03 18.28
CA PRO A 369 20.07 -21.24 18.38
C PRO A 369 20.13 -22.03 17.08
N ASN A 370 19.13 -21.86 16.23
CA ASN A 370 19.05 -22.58 14.95
C ASN A 370 19.25 -21.64 13.79
N SER A 371 19.69 -20.40 14.02
CA SER A 371 19.95 -19.46 12.91
C SER A 371 21.36 -19.68 12.37
N THR A 372 21.54 -19.46 11.08
CA THR A 372 22.76 -19.83 10.34
C THR A 372 23.17 -18.69 9.44
N VAL A 373 24.47 -18.62 9.17
CA VAL A 373 24.98 -17.67 8.18
C VAL A 373 26.12 -18.31 7.39
N SER A 374 26.08 -18.12 6.07
CA SER A 374 26.99 -18.75 5.09
CA SER A 374 27.00 -18.73 5.16
C SER A 374 27.27 -17.78 3.99
N GLY A 375 28.50 -17.78 3.48
CA GLY A 375 28.81 -17.13 2.22
C GLY A 375 28.80 -15.64 2.23
N THR A 376 28.92 -14.99 3.39
CA THR A 376 28.99 -13.52 3.37
C THR A 376 30.26 -13.02 2.67
N VAL A 377 30.11 -12.03 1.80
CA VAL A 377 31.22 -11.40 1.09
C VAL A 377 31.36 -10.00 1.66
N SER A 378 32.59 -9.61 2.00
CA SER A 378 32.87 -8.26 2.47
C SER A 378 34.23 -7.85 1.93
N ALA A 379 34.42 -6.55 1.68
CA ALA A 379 35.73 -6.06 1.28
C ALA A 379 36.79 -6.43 2.30
N PRO A 380 37.97 -6.82 1.82
CA PRO A 380 39.07 -7.16 2.72
C PRO A 380 39.58 -5.93 3.44
N PRO A 381 40.16 -6.11 4.64
CA PRO A 381 40.69 -5.00 5.42
C PRO A 381 41.81 -4.25 4.73
N GLN A 382 41.84 -2.94 4.94
CA GLN A 382 42.90 -2.11 4.39
C GLN A 382 44.26 -2.48 4.99
CL CL B . 18.90 -4.04 20.28
C1 B3P C . 24.77 -16.24 20.33
C2 B3P C . 24.93 -14.72 20.59
C3 B3P C . 24.89 -16.62 18.84
N1 B3P C . 24.59 -18.06 18.73
C4 B3P C . 24.66 -18.56 17.33
C5 B3P C . 23.98 -17.62 16.34
C6 B3P C . 26.13 -18.64 16.93
C7 B3P C . 24.07 -19.97 17.27
N2 B3P C . 26.23 -14.12 20.23
C8 B3P C . 26.22 -12.67 20.58
C9 B3P C . 27.62 -12.12 20.33
C10 B3P C . 25.16 -11.92 19.75
C11 B3P C . 25.87 -12.42 22.05
O1 B3P C . 27.71 -10.73 20.69
O2 B3P C . 25.38 -12.01 18.32
O3 B3P C . 26.81 -13.10 22.92
O4 B3P C . 22.61 -17.42 16.68
O5 B3P C . 26.81 -19.53 17.81
O6 B3P C . 24.81 -20.80 18.16
CA CA D . -19.35 -3.46 -3.44
#